data_6ER3
#
_entry.id   6ER3
#
_cell.length_a   48.800
_cell.length_b   72.350
_cell.length_c   51.520
_cell.angle_alpha   90.000
_cell.angle_beta   105.100
_cell.angle_gamma   90.000
#
_symmetry.space_group_name_H-M   'P 1 21 1'
#
loop_
_entity.id
_entity.type
_entity.pdbx_description
1 polymer 'BNR/Asp-box repeat protein'
2 branched 'N-acetyl-alpha-neuraminic acid-(2-3)-beta-D-galactopyranose'
3 non-polymer GLYCEROL
4 water water
#
_entity_poly.entity_id   1
_entity_poly.type   'polypeptide(L)'
_entity_poly.pdbx_seq_one_letter_code
;GSVLQKEGIEISEGTGYDLSKEPGAATVKALEQGTIVISYKTTSENAIQSLLSVGNGTKGNQDRHFHLYITNAGGVGMEL
RNTDGEFKYTLDCPAAVRGSYKGERVSNTVALKADKENKQYKLFANGELIATLDQEAFKFISDITGVDNVMLGGTMRQGT
VAYPFGGSIERMQVYRDVLSDDELIAVTGI
;
_entity_poly.pdbx_strand_id   A,B
#
loop_
_chem_comp.id
_chem_comp.type
_chem_comp.name
_chem_comp.formula
GAL D-saccharide, beta linking beta-D-galactopyranose 'C6 H12 O6'
GOL non-polymer GLYCEROL 'C3 H8 O3'
SIA D-saccharide, alpha linking 'N-acetyl-alpha-neuraminic acid' 'C11 H19 N O9'
#
# COMPACT_ATOMS: atom_id res chain seq x y z
N GLY A 1 -16.57 8.91 -23.43
CA GLY A 1 -15.42 9.82 -23.69
C GLY A 1 -14.68 10.33 -22.46
N SER A 2 -13.40 10.65 -22.65
CA SER A 2 -12.57 11.19 -21.59
C SER A 2 -13.04 12.59 -21.14
N VAL A 3 -12.77 12.91 -19.89
CA VAL A 3 -12.97 14.26 -19.40
C VAL A 3 -11.71 15.11 -19.51
N LEU A 4 -10.54 14.49 -19.65
CA LEU A 4 -9.28 15.21 -19.84
C LEU A 4 -8.34 14.30 -20.62
N GLN A 5 -7.72 14.83 -21.66
CA GLN A 5 -6.81 14.04 -22.48
C GLN A 5 -5.66 14.93 -22.97
N LYS A 6 -4.47 14.33 -23.02
CA LYS A 6 -3.29 14.96 -23.60
C LYS A 6 -2.49 13.94 -24.34
N GLU A 7 -1.81 14.37 -25.40
CA GLU A 7 -0.98 13.49 -26.21
C GLU A 7 0.36 14.13 -26.56
N GLY A 8 1.42 13.33 -26.60
CA GLY A 8 2.71 13.82 -27.11
C GLY A 8 3.36 14.91 -26.29
N ILE A 9 3.44 14.68 -24.98
CA ILE A 9 3.99 15.64 -24.05
C ILE A 9 5.34 15.20 -23.50
N GLU A 10 6.41 15.92 -23.86
CA GLU A 10 7.72 15.65 -23.29
C GLU A 10 7.84 16.42 -22.01
N ILE A 11 8.49 15.80 -21.02
CA ILE A 11 8.72 16.38 -19.73
C ILE A 11 10.13 16.05 -19.26
N SER A 12 10.95 17.07 -18.99
CA SER A 12 12.24 16.79 -18.40
C SER A 12 12.08 16.61 -16.91
N GLU A 13 12.98 15.83 -16.32
CA GLU A 13 12.96 15.50 -14.87
C GLU A 13 12.85 16.77 -14.03
N GLY A 14 11.81 16.86 -13.20
CA GLY A 14 11.66 17.96 -12.30
C GLY A 14 10.75 19.05 -12.76
N THR A 15 10.46 19.06 -14.06
CA THR A 15 9.72 20.15 -14.66
C THR A 15 8.21 20.00 -14.43
N GLY A 16 7.72 18.76 -14.60
CA GLY A 16 6.28 18.53 -14.61
C GLY A 16 5.62 19.17 -15.80
N TYR A 17 4.32 18.97 -15.92
CA TYR A 17 3.52 19.63 -16.95
C TYR A 17 2.16 19.91 -16.38
N ASP A 18 1.87 21.18 -16.15
CA ASP A 18 0.68 21.59 -15.44
C ASP A 18 -0.56 21.47 -16.33
N LEU A 19 -1.58 20.77 -15.82
CA LEU A 19 -2.88 20.66 -16.49
C LEU A 19 -4.00 21.38 -15.77
N SER A 20 -3.67 22.11 -14.72
CA SER A 20 -4.69 22.66 -13.81
C SER A 20 -5.68 23.61 -14.46
N LYS A 21 -5.28 24.28 -15.54
CA LYS A 21 -6.10 25.24 -16.24
C LYS A 21 -6.86 24.66 -17.43
N GLU A 22 -6.61 23.40 -17.77
CA GLU A 22 -7.22 22.80 -18.93
C GLU A 22 -8.70 22.61 -18.71
N PRO A 23 -9.50 22.78 -19.78
CA PRO A 23 -10.89 22.37 -19.64
C PRO A 23 -10.96 20.91 -19.21
N GLY A 24 -11.79 20.62 -18.23
CA GLY A 24 -11.91 19.26 -17.73
C GLY A 24 -11.14 19.05 -16.44
N ALA A 25 -10.15 19.89 -16.16
CA ALA A 25 -9.35 19.74 -14.94
C ALA A 25 -10.24 19.82 -13.70
N ALA A 26 -11.22 20.73 -13.70
CA ALA A 26 -12.10 20.85 -12.53
C ALA A 26 -12.82 19.56 -12.21
N THR A 27 -13.28 18.88 -13.28
CA THR A 27 -13.90 17.57 -13.16
C THR A 27 -12.95 16.53 -12.59
N VAL A 28 -11.72 16.52 -13.08
CA VAL A 28 -10.71 15.60 -12.57
C VAL A 28 -10.45 15.84 -11.08
N LYS A 29 -10.37 17.11 -10.68
CA LYS A 29 -10.14 17.50 -9.28
C LYS A 29 -11.25 17.07 -8.33
N ALA A 30 -12.41 16.67 -8.86
CA ALA A 30 -13.56 16.25 -8.03
C ALA A 30 -14.01 14.81 -8.28
N LEU A 31 -13.17 13.98 -8.91
CA LEU A 31 -13.63 12.64 -9.25
C LEU A 31 -14.00 11.80 -8.02
N GLU A 32 -15.17 11.19 -8.08
CA GLU A 32 -15.62 10.22 -7.08
C GLU A 32 -15.29 8.78 -7.43
N GLN A 33 -14.95 8.57 -8.69
CA GLN A 33 -14.58 7.27 -9.26
C GLN A 33 -14.05 7.58 -10.67
N GLY A 34 -13.53 6.57 -11.36
CA GLY A 34 -13.14 6.76 -12.72
C GLY A 34 -11.99 5.88 -13.14
N THR A 35 -11.40 6.28 -14.27
CA THR A 35 -10.40 5.48 -14.96
C THR A 35 -9.32 6.41 -15.51
N ILE A 36 -8.05 6.02 -15.37
CA ILE A 36 -6.91 6.77 -15.92
C ILE A 36 -6.11 5.77 -16.77
N VAL A 37 -5.83 6.16 -18.03
CA VAL A 37 -5.04 5.33 -18.93
C VAL A 37 -3.89 6.18 -19.45
N ILE A 38 -2.64 5.69 -19.30
CA ILE A 38 -1.46 6.45 -19.73
C ILE A 38 -0.45 5.56 -20.43
N SER A 39 -0.05 6.01 -21.61
CA SER A 39 1.08 5.44 -22.36
C SER A 39 2.28 6.40 -22.19
N TYR A 40 3.47 5.88 -21.92
CA TYR A 40 4.61 6.71 -21.57
C TYR A 40 5.92 5.97 -21.97
N LYS A 41 6.99 6.77 -22.05
CA LYS A 41 8.37 6.26 -22.12
C LYS A 41 9.14 7.04 -21.09
N THR A 42 9.77 6.36 -20.15
CA THR A 42 10.60 7.05 -19.16
C THR A 42 12.07 7.01 -19.56
N THR A 43 12.73 8.14 -19.34
CA THR A 43 14.18 8.24 -19.52
C THR A 43 14.90 8.43 -18.21
N SER A 44 14.19 8.42 -17.09
CA SER A 44 14.71 8.82 -15.82
C SER A 44 15.00 7.60 -14.93
N GLU A 45 16.04 7.70 -14.11
N GLU A 45 16.03 7.73 -14.10
CA GLU A 45 16.32 6.65 -13.14
CA GLU A 45 16.39 6.72 -13.13
C GLU A 45 15.76 6.98 -11.76
C GLU A 45 15.76 6.98 -11.77
N ASN A 46 14.90 8.01 -11.66
CA ASN A 46 14.22 8.32 -10.39
C ASN A 46 13.35 7.12 -9.94
N ALA A 47 13.38 6.86 -8.64
CA ALA A 47 12.79 5.64 -8.12
C ALA A 47 11.26 5.66 -8.15
N ILE A 48 10.70 6.86 -8.01
CA ILE A 48 9.24 7.07 -8.03
C ILE A 48 8.95 8.26 -8.96
N GLN A 49 8.25 7.98 -10.05
CA GLN A 49 7.95 8.98 -11.09
C GLN A 49 6.45 9.05 -11.27
N SER A 50 5.83 10.13 -10.81
CA SER A 50 4.40 10.32 -11.08
C SER A 50 4.11 10.54 -12.54
N LEU A 51 3.22 9.76 -13.11
CA LEU A 51 2.73 10.02 -14.45
C LEU A 51 1.66 11.10 -14.44
N LEU A 52 0.69 10.96 -13.55
CA LEU A 52 -0.39 11.93 -13.35
C LEU A 52 -0.64 12.06 -11.87
N SER A 53 -0.79 13.30 -11.38
CA SER A 53 -1.21 13.53 -10.03
C SER A 53 -2.32 14.57 -9.99
N VAL A 54 -3.06 14.52 -8.88
CA VAL A 54 -4.13 15.42 -8.59
C VAL A 54 -4.05 15.65 -7.08
N GLY A 55 -3.88 16.88 -6.65
CA GLY A 55 -3.73 17.09 -5.23
C GLY A 55 -3.71 18.50 -4.76
N ASN A 56 -3.32 18.64 -3.50
CA ASN A 56 -3.20 19.91 -2.81
C ASN A 56 -1.73 20.27 -2.71
N GLY A 57 -1.31 21.29 -3.47
CA GLY A 57 0.10 21.67 -3.58
C GLY A 57 0.55 22.72 -2.59
N THR A 58 -0.33 23.07 -1.66
CA THR A 58 -0.02 24.17 -0.75
C THR A 58 0.80 23.72 0.47
N LYS A 59 1.40 24.70 1.14
CA LYS A 59 2.27 24.40 2.28
C LYS A 59 1.49 23.72 3.39
N GLY A 60 2.11 22.70 3.97
CA GLY A 60 1.51 21.93 5.03
C GLY A 60 0.53 20.86 4.60
N ASN A 61 0.31 20.73 3.29
CA ASN A 61 -0.67 19.77 2.74
C ASN A 61 -0.01 18.74 1.82
N GLN A 62 1.26 18.45 2.08
CA GLN A 62 2.07 17.54 1.27
C GLN A 62 1.61 16.08 1.26
N ASP A 63 0.77 15.71 2.22
CA ASP A 63 0.22 14.35 2.27
C ASP A 63 -1.23 14.27 1.73
N ARG A 64 -1.61 15.27 0.93
CA ARG A 64 -2.96 15.35 0.40
C ARG A 64 -2.88 15.34 -1.13
N HIS A 65 -2.88 14.16 -1.71
CA HIS A 65 -2.78 14.01 -3.15
C HIS A 65 -3.05 12.57 -3.58
N PHE A 66 -3.30 12.46 -4.87
CA PHE A 66 -3.40 11.19 -5.59
C PHE A 66 -2.33 11.21 -6.68
N HIS A 67 -1.66 10.09 -6.89
CA HIS A 67 -0.88 9.91 -8.08
C HIS A 67 -0.77 8.50 -8.54
N LEU A 68 -0.62 8.37 -9.85
CA LEU A 68 -0.35 7.10 -10.55
C LEU A 68 1.11 7.19 -11.00
N TYR A 69 1.95 6.27 -10.58
CA TYR A 69 3.40 6.39 -10.70
C TYR A 69 4.03 5.14 -11.27
N ILE A 70 5.25 5.30 -11.77
CA ILE A 70 6.10 4.17 -12.18
C ILE A 70 7.44 4.28 -11.46
N THR A 71 8.21 3.20 -11.48
CA THR A 71 9.53 3.19 -10.85
C THR A 71 10.61 2.93 -11.87
N ASN A 72 11.84 3.16 -11.39
CA ASN A 72 13.07 2.83 -12.13
C ASN A 72 13.31 1.34 -12.31
N ALA A 73 12.67 0.51 -11.49
CA ALA A 73 12.85 -0.94 -11.53
C ALA A 73 11.66 -1.65 -12.21
N GLY A 74 10.90 -0.95 -13.06
CA GLY A 74 9.83 -1.57 -13.83
C GLY A 74 8.51 -1.72 -13.08
N GLY A 75 8.36 -1.01 -11.97
CA GLY A 75 7.16 -1.08 -11.17
C GLY A 75 6.14 -0.05 -11.57
N VAL A 76 4.91 -0.30 -11.14
CA VAL A 76 3.77 0.60 -11.32
C VAL A 76 3.03 0.65 -10.00
N GLY A 77 2.55 1.84 -9.60
CA GLY A 77 1.76 1.96 -8.42
C GLY A 77 0.90 3.20 -8.37
N MET A 78 0.18 3.35 -7.28
CA MET A 78 -0.60 4.56 -7.02
C MET A 78 -0.61 4.81 -5.55
N GLU A 79 -0.78 6.06 -5.21
CA GLU A 79 -1.14 6.42 -3.85
C GLU A 79 -2.28 7.41 -3.85
N LEU A 80 -3.16 7.25 -2.87
CA LEU A 80 -4.34 8.08 -2.67
C LEU A 80 -4.31 8.48 -1.21
N ARG A 81 -4.10 9.77 -0.93
CA ARG A 81 -3.73 10.26 0.38
C ARG A 81 -4.46 11.52 0.77
N ASN A 82 -4.87 11.59 2.03
CA ASN A 82 -5.40 12.84 2.58
C ASN A 82 -4.91 13.03 3.98
N THR A 83 -3.61 12.78 4.18
CA THR A 83 -3.05 12.72 5.48
C THR A 83 -3.33 11.32 6.07
N ASP A 84 -2.39 10.77 6.83
CA ASP A 84 -2.42 9.32 7.16
C ASP A 84 -3.55 8.94 8.12
N GLY A 85 -3.97 9.90 8.94
CA GLY A 85 -5.11 9.71 9.81
C GLY A 85 -6.43 9.57 9.06
N GLU A 86 -6.53 10.17 7.87
CA GLU A 86 -7.70 10.09 7.03
C GLU A 86 -7.67 8.89 6.09
N PHE A 87 -6.66 8.83 5.23
CA PHE A 87 -6.48 7.66 4.39
C PHE A 87 -5.13 7.70 3.67
N LYS A 88 -4.60 6.51 3.45
CA LYS A 88 -3.39 6.28 2.67
C LYS A 88 -3.51 4.92 1.95
N TYR A 89 -4.12 4.95 0.78
CA TYR A 89 -4.49 3.76 0.01
C TYR A 89 -3.52 3.68 -1.14
N THR A 90 -2.82 2.54 -1.22
CA THR A 90 -1.69 2.44 -2.13
C THR A 90 -1.68 1.11 -2.82
N LEU A 91 -1.04 1.10 -3.99
CA LEU A 91 -0.71 -0.14 -4.72
C LEU A 91 0.72 0.02 -5.18
N ASP A 92 1.47 -1.05 -5.20
CA ASP A 92 2.81 -0.98 -5.74
C ASP A 92 3.16 -2.36 -6.24
N CYS A 93 3.37 -2.43 -7.55
CA CYS A 93 3.52 -3.70 -8.23
C CYS A 93 4.87 -3.79 -8.91
N PRO A 94 5.65 -4.81 -8.58
CA PRO A 94 6.98 -4.94 -9.17
C PRO A 94 6.97 -5.57 -10.54
N ALA A 95 8.02 -5.28 -11.30
CA ALA A 95 8.34 -5.99 -12.55
C ALA A 95 7.12 -6.14 -13.44
N ALA A 96 6.35 -5.05 -13.56
CA ALA A 96 5.14 -4.99 -14.39
C ALA A 96 5.32 -4.28 -15.73
N VAL A 97 6.35 -3.45 -15.84
CA VAL A 97 6.64 -2.64 -17.06
C VAL A 97 8.14 -2.77 -17.30
N ARG A 98 8.65 -2.09 -18.33
CA ARG A 98 10.09 -2.12 -18.66
C ARG A 98 10.61 -0.75 -19.10
N GLY A 99 11.81 -0.38 -18.66
CA GLY A 99 12.40 0.92 -19.01
C GLY A 99 13.05 0.86 -20.39
N SER A 100 13.92 -0.14 -20.57
CA SER A 100 14.65 -0.40 -21.83
C SER A 100 14.86 0.82 -22.73
N VAL A 106 11.50 1.87 -24.36
CA VAL A 106 10.27 1.16 -24.69
C VAL A 106 8.99 1.83 -24.12
N SER A 107 7.94 1.90 -24.95
CA SER A 107 6.62 2.43 -24.55
C SER A 107 5.90 1.40 -23.67
N ASN A 108 5.25 1.90 -22.64
CA ASN A 108 4.42 1.07 -21.77
C ASN A 108 3.07 1.74 -21.62
N THR A 109 2.03 0.96 -21.36
CA THR A 109 0.72 1.54 -21.10
C THR A 109 0.20 0.97 -19.79
N VAL A 110 -0.25 1.86 -18.91
CA VAL A 110 -0.78 1.47 -17.60
C VAL A 110 -2.16 2.11 -17.42
N ALA A 111 -2.91 1.55 -16.49
CA ALA A 111 -4.23 2.10 -16.18
C ALA A 111 -4.61 1.81 -14.76
N LEU A 112 -5.35 2.76 -14.18
CA LEU A 112 -5.96 2.58 -12.88
C LEU A 112 -7.44 2.82 -13.00
N LYS A 113 -8.25 1.95 -12.41
CA LYS A 113 -9.65 2.27 -12.24
C LYS A 113 -9.99 2.24 -10.76
N ALA A 114 -10.88 3.14 -10.39
CA ALA A 114 -11.41 3.25 -9.05
C ALA A 114 -12.94 3.16 -9.19
N ASP A 115 -13.50 2.12 -8.61
CA ASP A 115 -14.89 1.76 -8.77
C ASP A 115 -15.59 1.95 -7.43
N LYS A 116 -16.42 2.97 -7.33
CA LYS A 116 -17.09 3.28 -6.08
C LYS A 116 -18.11 2.21 -5.68
N GLU A 117 -18.90 1.74 -6.63
CA GLU A 117 -19.95 0.78 -6.35
C GLU A 117 -19.44 -0.47 -5.68
N ASN A 118 -18.28 -0.94 -6.17
N ASN A 118 -18.30 -1.00 -6.12
CA ASN A 118 -17.62 -2.15 -5.73
CA ASN A 118 -17.79 -2.18 -5.40
C ASN A 118 -16.49 -1.93 -4.70
C ASN A 118 -16.50 -1.94 -4.63
N LYS A 119 -16.23 -0.66 -4.37
CA LYS A 119 -15.20 -0.27 -3.41
C LYS A 119 -13.86 -0.88 -3.72
N GLN A 120 -13.44 -0.73 -4.98
CA GLN A 120 -12.34 -1.49 -5.53
C GLN A 120 -11.50 -0.59 -6.45
N TYR A 121 -10.18 -0.79 -6.39
CA TYR A 121 -9.17 -0.18 -7.27
C TYR A 121 -8.48 -1.28 -8.02
N LYS A 122 -8.29 -1.09 -9.31
CA LYS A 122 -7.56 -2.10 -10.10
C LYS A 122 -6.50 -1.43 -10.95
N LEU A 123 -5.32 -2.05 -10.97
CA LEU A 123 -4.18 -1.56 -11.72
C LEU A 123 -3.85 -2.51 -12.83
N PHE A 124 -3.61 -1.97 -14.01
CA PHE A 124 -3.29 -2.72 -15.23
C PHE A 124 -1.98 -2.21 -15.82
N ALA A 125 -1.24 -3.11 -16.47
CA ALA A 125 -0.03 -2.72 -17.22
C ALA A 125 0.15 -3.67 -18.39
N ASN A 126 0.30 -3.09 -19.58
CA ASN A 126 0.69 -3.86 -20.77
C ASN A 126 -0.17 -5.12 -20.96
N GLY A 127 -1.50 -4.95 -20.88
CA GLY A 127 -2.48 -6.00 -21.16
C GLY A 127 -2.77 -6.99 -20.03
N GLU A 128 -2.36 -6.66 -18.81
CA GLU A 128 -2.59 -7.53 -17.67
C GLU A 128 -3.14 -6.73 -16.49
N LEU A 129 -4.04 -7.36 -15.76
CA LEU A 129 -4.47 -6.91 -14.45
C LEU A 129 -3.41 -7.34 -13.45
N ILE A 130 -2.76 -6.37 -12.78
CA ILE A 130 -1.66 -6.67 -11.90
C ILE A 130 -1.91 -6.57 -10.42
N ALA A 131 -2.96 -5.83 -10.02
CA ALA A 131 -3.34 -5.82 -8.63
C ALA A 131 -4.73 -5.28 -8.47
N THR A 132 -5.38 -5.68 -7.39
CA THR A 132 -6.71 -5.22 -7.04
C THR A 132 -6.67 -4.90 -5.54
N LEU A 133 -7.25 -3.77 -5.16
CA LEU A 133 -7.39 -3.36 -3.77
C LEU A 133 -8.85 -3.09 -3.44
N ASP A 134 -9.38 -3.75 -2.41
CA ASP A 134 -10.72 -3.46 -1.91
C ASP A 134 -10.53 -2.80 -0.56
N GLN A 135 -11.23 -1.69 -0.31
CA GLN A 135 -11.17 -1.00 0.97
C GLN A 135 -12.56 -0.81 1.51
N GLU A 136 -12.77 -1.07 2.78
CA GLU A 136 -14.09 -0.91 3.36
C GLU A 136 -14.58 0.52 3.28
N ALA A 137 -13.66 1.44 3.48
CA ALA A 137 -13.94 2.86 3.41
C ALA A 137 -13.39 3.34 2.05
N PHE A 138 -14.25 3.30 1.04
CA PHE A 138 -13.79 3.68 -0.31
C PHE A 138 -13.59 5.18 -0.37
N LYS A 139 -12.50 5.59 -1.02
CA LYS A 139 -12.11 7.00 -1.16
C LYS A 139 -11.64 7.25 -2.56
N PHE A 140 -11.86 8.48 -3.03
CA PHE A 140 -11.17 8.86 -4.26
C PHE A 140 -10.86 10.35 -4.19
N ILE A 141 -10.65 10.98 -5.34
CA ILE A 141 -10.08 12.33 -5.38
C ILE A 141 -10.94 13.36 -4.67
N SER A 142 -12.27 13.22 -4.82
CA SER A 142 -13.20 14.15 -4.15
C SER A 142 -13.12 14.13 -2.64
N ASP A 143 -12.49 13.11 -2.05
CA ASP A 143 -12.28 13.02 -0.60
C ASP A 143 -11.01 13.72 -0.10
N ILE A 144 -10.13 14.12 -1.02
CA ILE A 144 -8.92 14.80 -0.67
C ILE A 144 -9.29 16.27 -0.35
N THR A 145 -8.68 16.84 0.67
CA THR A 145 -8.99 18.21 1.09
C THR A 145 -8.13 19.24 0.38
N GLY A 146 -8.77 20.22 -0.26
CA GLY A 146 -8.08 21.35 -0.86
C GLY A 146 -7.33 21.05 -2.16
N VAL A 147 -7.83 20.12 -2.97
CA VAL A 147 -7.20 19.86 -4.26
C VAL A 147 -7.18 21.15 -5.08
N ASP A 148 -6.02 21.46 -5.62
CA ASP A 148 -5.89 22.70 -6.41
C ASP A 148 -5.03 22.56 -7.65
N ASN A 149 -4.63 21.35 -8.00
CA ASN A 149 -3.83 21.18 -9.19
C ASN A 149 -3.90 19.79 -9.74
N VAL A 150 -3.67 19.72 -11.05
CA VAL A 150 -3.57 18.47 -11.78
C VAL A 150 -2.30 18.62 -12.58
N MET A 151 -1.45 17.60 -12.57
N MET A 151 -1.44 17.60 -12.58
CA MET A 151 -0.25 17.69 -13.38
CA MET A 151 -0.22 17.73 -13.34
C MET A 151 0.21 16.34 -13.90
C MET A 151 0.34 16.39 -13.79
N LEU A 152 1.02 16.41 -14.96
CA LEU A 152 1.75 15.28 -15.46
C LEU A 152 3.16 15.33 -14.94
N GLY A 153 3.73 14.16 -14.68
CA GLY A 153 5.17 14.03 -14.48
C GLY A 153 5.70 14.44 -13.13
N GLY A 154 4.84 14.53 -12.12
CA GLY A 154 5.27 14.81 -10.78
C GLY A 154 4.05 15.08 -9.93
N THR A 155 4.26 15.29 -8.65
CA THR A 155 3.24 15.58 -7.66
C THR A 155 3.67 16.86 -6.93
N MET A 156 2.81 17.84 -6.91
CA MET A 156 3.10 19.08 -6.18
C MET A 156 2.96 18.88 -4.69
N ARG A 157 4.05 19.13 -3.98
CA ARG A 157 4.09 19.03 -2.55
C ARG A 157 4.74 20.33 -2.02
N GLN A 158 3.94 21.17 -1.42
CA GLN A 158 4.40 22.45 -0.92
C GLN A 158 5.16 23.27 -1.97
N GLY A 159 4.63 23.26 -3.19
CA GLY A 159 5.20 24.04 -4.29
C GLY A 159 6.42 23.46 -4.96
N THR A 160 6.80 22.23 -4.57
CA THR A 160 7.90 21.54 -5.20
C THR A 160 7.35 20.38 -6.03
N VAL A 161 7.96 20.14 -7.18
CA VAL A 161 7.64 18.98 -8.00
C VAL A 161 8.32 17.76 -7.40
N ALA A 162 7.53 16.93 -6.71
CA ALA A 162 7.98 15.67 -6.13
C ALA A 162 7.77 14.53 -7.11
N TYR A 163 8.41 13.40 -6.84
CA TYR A 163 8.30 12.20 -7.62
C TYR A 163 8.47 12.46 -9.11
N PRO A 164 9.62 13.03 -9.50
CA PRO A 164 9.71 13.58 -10.84
C PRO A 164 9.98 12.58 -11.94
N PHE A 165 9.14 12.65 -12.97
CA PHE A 165 9.25 11.87 -14.18
C PHE A 165 10.10 12.61 -15.21
N GLY A 166 10.83 11.85 -16.00
CA GLY A 166 11.38 12.38 -17.23
C GLY A 166 11.13 11.44 -18.36
N GLY A 167 10.86 12.00 -19.53
CA GLY A 167 10.59 11.26 -20.74
C GLY A 167 9.42 11.84 -21.50
N SER A 168 8.52 10.99 -21.94
CA SER A 168 7.34 11.37 -22.73
C SER A 168 6.08 10.75 -22.20
N ILE A 169 5.07 11.58 -21.99
CA ILE A 169 3.71 11.10 -21.80
C ILE A 169 3.09 11.06 -23.20
N GLU A 170 3.05 9.86 -23.77
CA GLU A 170 2.57 9.68 -25.12
C GLU A 170 1.07 9.90 -25.25
N ARG A 171 0.29 9.37 -24.32
N ARG A 171 0.30 9.37 -24.31
CA ARG A 171 -1.13 9.56 -24.32
CA ARG A 171 -1.11 9.57 -24.30
C ARG A 171 -1.64 9.42 -22.91
C ARG A 171 -1.58 9.46 -22.87
N MET A 172 -2.47 10.37 -22.48
CA MET A 172 -3.04 10.37 -21.16
C MET A 172 -4.51 10.66 -21.26
N GLN A 173 -5.33 9.80 -20.68
CA GLN A 173 -6.76 10.00 -20.66
C GLN A 173 -7.31 9.74 -19.29
N VAL A 174 -8.22 10.63 -18.86
CA VAL A 174 -8.95 10.48 -17.61
C VAL A 174 -10.43 10.44 -17.91
N TYR A 175 -11.12 9.47 -17.32
CA TYR A 175 -12.54 9.21 -17.53
C TYR A 175 -13.23 9.29 -16.18
N ARG A 176 -14.45 9.83 -16.15
CA ARG A 176 -15.37 9.65 -15.02
C ARG A 176 -15.92 8.23 -14.98
N ASP A 177 -16.07 7.62 -16.13
CA ASP A 177 -16.57 6.27 -16.25
C ASP A 177 -15.57 5.26 -15.74
N VAL A 178 -16.09 4.13 -15.27
CA VAL A 178 -15.31 2.99 -14.81
C VAL A 178 -15.27 2.02 -15.96
N LEU A 179 -14.14 1.95 -16.65
CA LEU A 179 -14.04 1.09 -17.82
C LEU A 179 -13.94 -0.34 -17.37
N SER A 180 -14.35 -1.27 -18.23
CA SER A 180 -14.33 -2.67 -17.87
C SER A 180 -12.91 -3.24 -17.88
N ASP A 181 -12.70 -4.35 -17.18
CA ASP A 181 -11.41 -5.01 -17.21
C ASP A 181 -11.05 -5.38 -18.64
N ASP A 182 -12.01 -5.89 -19.41
CA ASP A 182 -11.71 -6.29 -20.79
C ASP A 182 -11.25 -5.10 -21.64
N GLU A 183 -11.92 -3.97 -21.46
CA GLU A 183 -11.53 -2.72 -22.12
C GLU A 183 -10.10 -2.33 -21.75
N LEU A 184 -9.78 -2.42 -20.45
CA LEU A 184 -8.44 -2.02 -20.00
C LEU A 184 -7.33 -2.98 -20.41
N ILE A 185 -7.63 -4.29 -20.39
CA ILE A 185 -6.71 -5.28 -20.91
C ILE A 185 -6.39 -4.99 -22.38
N ALA A 186 -7.42 -4.62 -23.13
CA ALA A 186 -7.25 -4.32 -24.55
C ALA A 186 -6.49 -3.02 -24.77
N VAL A 187 -6.86 -1.93 -24.09
CA VAL A 187 -6.21 -0.63 -24.33
C VAL A 187 -4.77 -0.61 -23.84
N THR A 188 -4.47 -1.30 -22.74
CA THR A 188 -3.12 -1.29 -22.24
C THR A 188 -2.14 -2.27 -22.95
N GLY A 189 -2.69 -3.24 -23.71
CA GLY A 189 -1.86 -4.32 -24.35
C GLY A 189 -1.53 -4.09 -25.82
N GLY B 1 -3.47 -26.49 14.27
CA GLY B 1 -3.09 -25.62 15.41
C GLY B 1 -2.17 -24.48 14.98
N SER B 2 -2.02 -23.49 15.85
CA SER B 2 -1.02 -22.47 15.63
C SER B 2 0.40 -23.06 15.66
N VAL B 3 1.29 -22.44 14.90
CA VAL B 3 2.72 -22.80 14.94
C VAL B 3 3.50 -21.94 15.97
N LEU B 4 2.96 -20.79 16.36
CA LEU B 4 3.57 -19.97 17.39
C LEU B 4 2.46 -19.21 18.09
N GLN B 5 2.52 -19.20 19.41
CA GLN B 5 1.54 -18.45 20.16
C GLN B 5 2.15 -17.89 21.44
N LYS B 6 1.68 -16.71 21.82
CA LYS B 6 2.09 -16.08 23.07
C LYS B 6 0.86 -15.41 23.66
N GLU B 7 0.89 -15.26 24.97
CA GLU B 7 -0.19 -14.57 25.65
C GLU B 7 0.32 -13.69 26.77
N GLY B 8 -0.35 -12.54 26.97
CA GLY B 8 -0.10 -11.70 28.12
C GLY B 8 1.28 -11.08 28.19
N ILE B 9 1.75 -10.59 27.04
CA ILE B 9 3.09 -10.03 26.93
C ILE B 9 3.04 -8.52 26.94
N GLU B 10 3.51 -7.90 28.04
CA GLU B 10 3.52 -6.44 28.17
C GLU B 10 4.88 -5.88 27.77
N ILE B 11 4.86 -4.87 26.90
CA ILE B 11 6.05 -4.32 26.26
C ILE B 11 6.13 -2.81 26.58
N SER B 12 7.28 -2.42 27.10
CA SER B 12 7.59 -1.02 27.36
C SER B 12 7.96 -0.41 26.05
N GLU B 13 7.34 0.72 25.71
CA GLU B 13 7.59 1.41 24.45
C GLU B 13 9.07 1.39 24.10
N GLY B 14 9.39 0.91 22.92
CA GLY B 14 10.72 1.00 22.46
C GLY B 14 11.45 -0.29 22.57
N THR B 15 11.07 -1.15 23.50
CA THR B 15 11.93 -2.30 23.82
C THR B 15 11.74 -3.49 22.89
N GLY B 16 10.52 -3.71 22.47
CA GLY B 16 10.15 -4.93 21.73
C GLY B 16 10.20 -6.16 22.61
N TYR B 17 9.80 -7.31 22.05
CA TYR B 17 9.89 -8.58 22.74
C TYR B 17 10.29 -9.62 21.70
N ASP B 18 11.51 -10.14 21.85
CA ASP B 18 12.06 -11.05 20.86
C ASP B 18 11.44 -12.42 20.99
N LEU B 19 10.99 -12.96 19.85
CA LEU B 19 10.46 -14.30 19.76
C LEU B 19 11.37 -15.24 18.95
N SER B 20 12.53 -14.75 18.53
CA SER B 20 13.35 -15.47 17.54
C SER B 20 13.87 -16.83 17.99
N LYS B 21 13.98 -17.06 19.29
CA LYS B 21 14.46 -18.33 19.82
C LYS B 21 13.32 -19.27 20.23
N GLU B 22 12.06 -18.86 20.10
CA GLU B 22 10.93 -19.68 20.52
C GLU B 22 10.77 -20.86 19.60
N PRO B 23 10.41 -22.01 20.17
CA PRO B 23 9.97 -23.08 19.30
C PRO B 23 8.86 -22.59 18.35
N GLY B 24 8.99 -22.90 17.06
CA GLY B 24 8.02 -22.45 16.08
C GLY B 24 8.49 -21.21 15.30
N ALA B 25 9.42 -20.46 15.88
CA ALA B 25 9.91 -19.27 15.21
C ALA B 25 10.50 -19.59 13.84
N ALA B 26 11.24 -20.70 13.71
CA ALA B 26 11.82 -21.07 12.43
C ALA B 26 10.75 -21.25 11.36
N THR B 27 9.65 -21.88 11.72
CA THR B 27 8.49 -22.02 10.83
C THR B 27 7.94 -20.66 10.42
N VAL B 28 7.77 -19.77 11.39
CA VAL B 28 7.24 -18.43 11.11
C VAL B 28 8.16 -17.66 10.16
N LYS B 29 9.47 -17.83 10.34
CA LYS B 29 10.48 -17.18 9.50
C LYS B 29 10.49 -17.66 8.05
N ALA B 30 9.80 -18.77 7.76
CA ALA B 30 9.74 -19.31 6.42
C ALA B 30 8.32 -19.39 5.85
N LEU B 31 7.33 -18.70 6.42
CA LEU B 31 5.96 -18.89 5.95
C LEU B 31 5.73 -18.54 4.51
N GLU B 32 5.11 -19.45 3.79
CA GLU B 32 4.72 -19.21 2.41
C GLU B 32 3.32 -18.65 2.29
N GLN B 33 2.55 -18.77 3.37
CA GLN B 33 1.17 -18.29 3.47
C GLN B 33 0.81 -18.48 4.94
N GLY B 34 -0.36 -18.00 5.34
CA GLY B 34 -0.82 -18.27 6.69
C GLY B 34 -1.69 -17.16 7.25
N THR B 35 -1.85 -17.21 8.55
CA THR B 35 -2.78 -16.36 9.27
C THR B 35 -2.17 -15.90 10.56
N ILE B 36 -2.35 -14.62 10.89
CA ILE B 36 -1.86 -14.02 12.12
C ILE B 36 -3.05 -13.37 12.81
N VAL B 37 -3.29 -13.70 14.08
CA VAL B 37 -4.40 -13.13 14.85
C VAL B 37 -3.82 -12.56 16.14
N ILE B 38 -4.09 -11.28 16.41
CA ILE B 38 -3.52 -10.61 17.56
C ILE B 38 -4.57 -9.78 18.26
N SER B 39 -4.68 -10.01 19.58
CA SER B 39 -5.44 -9.14 20.49
C SER B 39 -4.41 -8.30 21.26
N TYR B 40 -4.65 -6.98 21.39
CA TYR B 40 -3.69 -6.08 21.96
C TYR B 40 -4.41 -4.88 22.58
N LYS B 41 -3.70 -4.17 23.46
CA LYS B 41 -4.06 -2.85 23.98
C LYS B 41 -2.83 -1.99 23.85
N THR B 42 -2.95 -0.88 23.12
CA THR B 42 -1.83 0.02 23.05
C THR B 42 -1.96 1.10 24.14
N THR B 43 -0.81 1.48 24.68
CA THR B 43 -0.72 2.58 25.64
C THR B 43 0.23 3.66 25.13
N SER B 44 0.61 3.59 23.84
CA SER B 44 1.56 4.48 23.23
C SER B 44 0.91 5.38 22.20
N GLU B 45 1.44 6.61 22.07
CA GLU B 45 1.02 7.54 21.03
C GLU B 45 1.96 7.52 19.83
N ASN B 46 2.85 6.53 19.74
CA ASN B 46 3.70 6.38 18.55
C ASN B 46 2.84 6.19 17.31
N ALA B 47 3.27 6.80 16.21
CA ALA B 47 2.45 6.86 15.03
C ALA B 47 2.31 5.50 14.35
N ILE B 48 3.37 4.69 14.35
CA ILE B 48 3.36 3.37 13.71
C ILE B 48 3.94 2.41 14.75
N GLN B 49 3.15 1.41 15.12
CA GLN B 49 3.53 0.45 16.16
C GLN B 49 3.37 -0.94 15.60
N SER B 50 4.48 -1.63 15.36
CA SER B 50 4.39 -3.03 14.93
C SER B 50 3.85 -3.88 16.06
N LEU B 51 2.87 -4.71 15.78
CA LEU B 51 2.44 -5.73 16.73
C LEU B 51 3.32 -6.95 16.62
N LEU B 52 3.52 -7.45 15.40
CA LEU B 52 4.37 -8.60 15.11
C LEU B 52 5.16 -8.27 13.86
N SER B 53 6.46 -8.58 13.88
CA SER B 53 7.27 -8.49 12.68
C SER B 53 8.10 -9.75 12.53
N VAL B 54 8.49 -10.00 11.27
CA VAL B 54 9.33 -11.11 10.86
C VAL B 54 10.23 -10.52 9.78
N GLY B 55 11.54 -10.53 9.98
CA GLY B 55 12.38 -9.90 8.98
C GLY B 55 13.87 -10.13 9.15
N ASN B 56 14.62 -9.35 8.38
CA ASN B 56 16.07 -9.37 8.36
C ASN B 56 16.55 -8.15 9.12
N GLY B 57 17.17 -8.37 10.28
CA GLY B 57 17.56 -7.27 11.15
C GLY B 57 18.98 -6.80 10.93
N THR B 58 19.66 -7.32 9.91
CA THR B 58 21.06 -7.02 9.70
C THR B 58 21.33 -5.70 8.96
N LYS B 59 22.57 -5.23 9.06
CA LYS B 59 22.92 -3.96 8.40
C LYS B 59 22.69 -4.04 6.91
N GLY B 60 22.14 -2.96 6.40
CA GLY B 60 21.85 -2.80 4.98
C GLY B 60 20.59 -3.49 4.50
N ASN B 61 19.90 -4.18 5.40
CA ASN B 61 18.72 -4.98 5.05
C ASN B 61 17.43 -4.43 5.69
N GLN B 62 17.43 -3.14 5.99
CA GLN B 62 16.34 -2.47 6.68
C GLN B 62 15.03 -2.45 5.94
N ASP B 63 15.05 -2.74 4.63
CA ASP B 63 13.83 -2.81 3.85
C ASP B 63 13.40 -4.26 3.56
N ARG B 64 13.87 -5.19 4.36
CA ARG B 64 13.56 -6.62 4.19
C ARG B 64 12.87 -7.11 5.46
N HIS B 65 11.54 -6.99 5.47
CA HIS B 65 10.75 -7.40 6.61
C HIS B 65 9.27 -7.43 6.29
N PHE B 66 8.55 -8.12 7.16
CA PHE B 66 7.10 -8.09 7.23
C PHE B 66 6.70 -7.58 8.60
N HIS B 67 5.66 -6.75 8.67
CA HIS B 67 5.01 -6.45 9.93
C HIS B 67 3.55 -6.14 9.79
N LEU B 68 2.84 -6.46 10.87
CA LEU B 68 1.44 -6.14 11.07
C LEU B 68 1.44 -5.04 12.14
N TYR B 69 0.87 -3.89 11.84
CA TYR B 69 1.04 -2.69 12.68
C TYR B 69 -0.27 -1.98 12.90
N ILE B 70 -0.26 -1.15 13.94
CA ILE B 70 -1.36 -0.24 14.23
C ILE B 70 -0.82 1.18 14.29
N THR B 71 -1.73 2.16 14.24
CA THR B 71 -1.31 3.56 14.30
C THR B 71 -1.95 4.24 15.49
N ASN B 72 -1.42 5.41 15.80
CA ASN B 72 -2.00 6.25 16.87
C ASN B 72 -3.32 6.97 16.47
N ALA B 73 -3.75 6.82 15.24
CA ALA B 73 -5.05 7.31 14.78
C ALA B 73 -6.10 6.22 14.53
N GLY B 74 -5.91 5.05 15.12
CA GLY B 74 -6.89 3.99 15.01
C GLY B 74 -6.79 3.20 13.69
N GLY B 75 -5.64 3.27 13.04
CA GLY B 75 -5.44 2.52 11.82
C GLY B 75 -4.79 1.19 12.09
N VAL B 76 -4.94 0.29 11.11
CA VAL B 76 -4.33 -1.03 11.12
C VAL B 76 -3.72 -1.23 9.74
N GLY B 77 -2.54 -1.81 9.64
CA GLY B 77 -1.97 -2.10 8.35
C GLY B 77 -0.91 -3.16 8.41
N MET B 78 -0.36 -3.47 7.25
CA MET B 78 0.79 -4.38 7.16
C MET B 78 1.68 -3.91 6.05
N GLU B 79 2.95 -4.24 6.16
CA GLU B 79 3.89 -4.09 5.08
C GLU B 79 4.69 -5.38 4.90
N LEU B 80 4.90 -5.76 3.65
CA LEU B 80 5.64 -6.93 3.27
C LEU B 80 6.69 -6.46 2.25
N ARG B 81 7.96 -6.54 2.62
CA ARG B 81 9.01 -5.84 1.89
C ARG B 81 10.25 -6.70 1.72
N ASN B 82 10.87 -6.58 0.55
CA ASN B 82 12.19 -7.18 0.32
C ASN B 82 13.08 -6.27 -0.50
N THR B 83 13.06 -4.99 -0.14
CA THR B 83 13.59 -3.86 -0.94
C THR B 83 12.59 -3.56 -2.05
N ASP B 84 12.50 -2.29 -2.41
CA ASP B 84 11.39 -1.80 -3.23
C ASP B 84 11.43 -2.33 -4.66
N GLY B 85 12.61 -2.64 -5.15
CA GLY B 85 12.72 -3.27 -6.46
C GLY B 85 12.15 -4.68 -6.52
N GLU B 86 12.19 -5.38 -5.39
CA GLU B 86 11.65 -6.74 -5.29
C GLU B 86 10.18 -6.75 -4.98
N PHE B 87 9.79 -6.14 -3.86
CA PHE B 87 8.38 -5.96 -3.55
C PHE B 87 8.20 -5.06 -2.35
N LYS B 88 7.08 -4.33 -2.37
CA LYS B 88 6.63 -3.50 -1.26
C LYS B 88 5.08 -3.54 -1.25
N TYR B 89 4.51 -4.56 -0.61
CA TYR B 89 3.09 -4.83 -0.60
C TYR B 89 2.53 -4.41 0.73
N THR B 90 1.54 -3.53 0.71
CA THR B 90 1.10 -2.88 1.92
C THR B 90 -0.40 -2.77 1.95
N LEU B 91 -0.91 -2.70 3.17
CA LEU B 91 -2.33 -2.35 3.39
C LEU B 91 -2.31 -1.35 4.51
N ASP B 92 -3.21 -0.38 4.46
CA ASP B 92 -3.25 0.56 5.54
C ASP B 92 -4.69 1.00 5.55
N CYS B 93 -5.34 0.80 6.68
CA CYS B 93 -6.75 1.05 6.83
C CYS B 93 -7.01 2.03 7.94
N PRO B 94 -7.80 3.06 7.68
CA PRO B 94 -8.10 4.04 8.71
C PRO B 94 -9.29 3.69 9.57
N ALA B 95 -9.27 4.26 10.77
CA ALA B 95 -10.44 4.26 11.67
C ALA B 95 -11.01 2.85 11.81
N ALA B 96 -10.13 1.87 11.98
CA ALA B 96 -10.52 0.47 12.11
C ALA B 96 -10.47 -0.06 13.54
N VAL B 97 -9.73 0.61 14.41
CA VAL B 97 -9.53 0.19 15.82
C VAL B 97 -9.55 1.48 16.66
N ARG B 98 -9.46 1.34 17.99
CA ARG B 98 -9.48 2.49 18.90
C ARG B 98 -8.45 2.33 20.02
N GLY B 99 -7.93 3.45 20.50
CA GLY B 99 -6.84 3.49 21.47
C GLY B 99 -7.24 3.90 22.88
N ARG B 105 -8.00 3.34 27.31
CA ARG B 105 -7.31 2.27 26.58
C ARG B 105 -8.15 0.98 26.47
N VAL B 106 -8.20 0.41 25.27
CA VAL B 106 -9.19 -0.59 24.91
C VAL B 106 -8.58 -1.75 24.13
N SER B 107 -9.14 -2.94 24.34
CA SER B 107 -8.66 -4.12 23.66
C SER B 107 -9.20 -4.11 22.25
N ASN B 108 -8.35 -4.51 21.30
CA ASN B 108 -8.75 -4.70 19.91
C ASN B 108 -8.21 -6.05 19.45
N THR B 109 -8.86 -6.62 18.45
CA THR B 109 -8.31 -7.85 17.81
C THR B 109 -8.24 -7.60 16.30
N VAL B 110 -7.06 -7.91 15.75
CA VAL B 110 -6.82 -7.75 14.33
C VAL B 110 -6.30 -9.07 13.78
N ALA B 111 -6.41 -9.23 12.46
CA ALA B 111 -5.89 -10.45 11.82
C ALA B 111 -5.52 -10.15 10.42
N LEU B 112 -4.46 -10.84 9.95
CA LEU B 112 -4.05 -10.82 8.55
C LEU B 112 -3.99 -12.24 8.07
N LYS B 113 -4.55 -12.49 6.89
CA LYS B 113 -4.26 -13.73 6.20
C LYS B 113 -3.62 -13.44 4.88
N ALA B 114 -2.71 -14.34 4.51
CA ALA B 114 -2.04 -14.35 3.24
C ALA B 114 -2.30 -15.72 2.63
N ASP B 115 -2.95 -15.72 1.48
CA ASP B 115 -3.50 -16.91 0.82
C ASP B 115 -2.80 -17.07 -0.51
N LYS B 116 -1.87 -18.04 -0.58
CA LYS B 116 -1.05 -18.21 -1.76
C LYS B 116 -1.86 -18.64 -2.99
N GLU B 117 -2.78 -19.59 -2.83
CA GLU B 117 -3.57 -20.08 -3.96
C GLU B 117 -4.38 -18.97 -4.63
N ASN B 118 -4.98 -18.12 -3.81
CA ASN B 118 -5.79 -17.00 -4.33
C ASN B 118 -4.98 -15.73 -4.59
N LYS B 119 -3.71 -15.74 -4.18
CA LYS B 119 -2.81 -14.54 -4.32
C LYS B 119 -3.37 -13.30 -3.65
N GLN B 120 -3.84 -13.48 -2.44
CA GLN B 120 -4.68 -12.52 -1.76
C GLN B 120 -4.23 -12.34 -0.31
N TYR B 121 -4.33 -11.12 0.18
CA TYR B 121 -4.10 -10.74 1.56
C TYR B 121 -5.38 -10.10 2.06
N LYS B 122 -5.83 -10.48 3.26
CA LYS B 122 -7.01 -9.86 3.83
C LYS B 122 -6.74 -9.45 5.25
N LEU B 123 -7.20 -8.24 5.59
CA LEU B 123 -7.01 -7.64 6.91
C LEU B 123 -8.35 -7.47 7.58
N PHE B 124 -8.40 -7.88 8.86
CA PHE B 124 -9.60 -7.86 9.68
C PHE B 124 -9.34 -7.12 10.99
N ALA B 125 -10.36 -6.43 11.49
CA ALA B 125 -10.28 -5.78 12.80
C ALA B 125 -11.62 -5.78 13.44
N ASN B 126 -11.67 -6.28 14.68
CA ASN B 126 -12.88 -6.16 15.52
C ASN B 126 -14.12 -6.64 14.79
N GLY B 127 -14.06 -7.81 14.17
CA GLY B 127 -15.23 -8.45 13.58
C GLY B 127 -15.60 -7.93 12.19
N GLU B 128 -14.69 -7.22 11.52
CA GLU B 128 -14.95 -6.70 10.19
C GLU B 128 -13.76 -6.97 9.28
N LEU B 129 -14.05 -7.34 8.03
CA LEU B 129 -13.06 -7.34 6.95
C LEU B 129 -12.87 -5.88 6.50
N ILE B 130 -11.64 -5.40 6.63
CA ILE B 130 -11.37 -4.00 6.35
C ILE B 130 -10.64 -3.72 5.05
N ALA B 131 -9.91 -4.70 4.51
CA ALA B 131 -9.32 -4.55 3.19
C ALA B 131 -8.84 -5.86 2.65
N THR B 132 -8.78 -5.93 1.32
CA THR B 132 -8.28 -7.08 0.58
C THR B 132 -7.33 -6.57 -0.47
N LEU B 133 -6.18 -7.24 -0.61
CA LEU B 133 -5.21 -6.98 -1.66
C LEU B 133 -4.95 -8.24 -2.47
N ASP B 134 -5.09 -8.14 -3.78
CA ASP B 134 -4.72 -9.23 -4.69
C ASP B 134 -3.54 -8.77 -5.53
N GLN B 135 -2.44 -9.50 -5.53
CA GLN B 135 -1.25 -9.13 -6.29
C GLN B 135 -0.94 -10.23 -7.25
N GLU B 136 -0.67 -9.91 -8.50
CA GLU B 136 -0.35 -10.90 -9.51
C GLU B 136 0.89 -11.71 -9.12
N ALA B 137 1.85 -11.02 -8.51
CA ALA B 137 3.07 -11.66 -8.05
C ALA B 137 2.94 -11.83 -6.52
N PHE B 138 2.37 -12.95 -6.11
CA PHE B 138 2.14 -13.18 -4.68
C PHE B 138 3.45 -13.43 -3.99
N LYS B 139 3.60 -12.83 -2.82
CA LYS B 139 4.81 -12.94 -2.01
C LYS B 139 4.40 -13.17 -0.57
N PHE B 140 5.26 -13.84 0.18
CA PHE B 140 5.11 -13.79 1.64
C PHE B 140 6.47 -13.91 2.30
N ILE B 141 6.49 -14.33 3.55
CA ILE B 141 7.69 -14.24 4.36
C ILE B 141 8.86 -15.03 3.76
N SER B 142 8.56 -16.20 3.21
CA SER B 142 9.63 -17.00 2.59
C SER B 142 10.28 -16.37 1.39
N ASP B 143 9.71 -15.30 0.84
CA ASP B 143 10.33 -14.55 -0.25
C ASP B 143 11.25 -13.44 0.21
N ILE B 144 11.23 -13.10 1.49
CA ILE B 144 12.12 -12.06 2.02
C ILE B 144 13.51 -12.72 2.12
N THR B 145 14.53 -11.95 1.82
CA THR B 145 15.89 -12.46 1.85
C THR B 145 16.53 -12.27 3.24
N GLY B 146 17.02 -13.37 3.79
CA GLY B 146 17.78 -13.30 5.03
C GLY B 146 16.99 -13.03 6.31
N VAL B 147 15.78 -13.55 6.37
CA VAL B 147 15.00 -13.39 7.57
C VAL B 147 15.70 -14.09 8.73
N ASP B 148 15.88 -13.36 9.83
CA ASP B 148 16.62 -13.89 10.99
C ASP B 148 15.97 -13.56 12.34
N ASN B 149 14.81 -12.95 12.35
CA ASN B 149 14.19 -12.63 13.60
C ASN B 149 12.68 -12.51 13.51
N VAL B 150 12.06 -12.77 14.66
CA VAL B 150 10.64 -12.60 14.88
C VAL B 150 10.49 -11.81 16.15
N MET B 151 9.66 -10.78 16.13
N MET B 151 9.61 -10.83 16.16
CA MET B 151 9.50 -9.93 17.31
CA MET B 151 9.37 -10.17 17.42
C MET B 151 8.10 -9.39 17.50
C MET B 151 8.06 -9.48 17.52
N LEU B 152 7.68 -9.23 18.77
CA LEU B 152 6.49 -8.47 19.08
C LEU B 152 6.90 -7.04 19.37
N GLY B 153 6.03 -6.13 18.96
CA GLY B 153 6.13 -4.74 19.44
C GLY B 153 7.17 -3.88 18.73
N GLY B 154 7.66 -4.29 17.59
CA GLY B 154 8.59 -3.51 16.82
C GLY B 154 9.08 -4.31 15.64
N THR B 155 9.89 -3.68 14.81
CA THR B 155 10.56 -4.31 13.66
C THR B 155 12.02 -4.03 13.70
N MET B 156 12.85 -5.05 13.64
CA MET B 156 14.29 -4.88 13.65
C MET B 156 14.81 -4.38 12.34
N ARG B 157 15.47 -3.22 12.39
CA ARG B 157 16.04 -2.58 11.22
C ARG B 157 17.47 -2.19 11.57
N GLN B 158 18.44 -2.92 11.03
CA GLN B 158 19.85 -2.71 11.33
C GLN B 158 20.14 -2.71 12.82
N GLY B 159 19.50 -3.60 13.55
CA GLY B 159 19.72 -3.75 14.99
C GLY B 159 18.99 -2.79 15.88
N THR B 160 18.16 -1.91 15.30
CA THR B 160 17.34 -0.99 16.05
C THR B 160 15.89 -1.44 16.03
N VAL B 161 15.21 -1.28 17.14
CA VAL B 161 13.77 -1.56 17.22
C VAL B 161 13.01 -0.39 16.59
N ALA B 162 12.55 -0.58 15.36
CA ALA B 162 11.71 0.38 14.67
C ALA B 162 10.24 0.17 14.92
N TYR B 163 9.44 1.18 14.62
CA TYR B 163 8.00 1.13 14.75
C TYR B 163 7.58 0.61 16.13
N PRO B 164 8.04 1.30 17.21
CA PRO B 164 7.87 0.72 18.53
C PRO B 164 6.47 0.83 19.13
N PHE B 165 5.97 -0.30 19.62
CA PHE B 165 4.70 -0.45 20.34
C PHE B 165 4.94 -0.32 21.82
N GLY B 166 3.93 0.19 22.50
CA GLY B 166 3.86 0.07 23.96
C GLY B 166 2.47 -0.34 24.33
N GLY B 167 2.39 -1.24 25.31
CA GLY B 167 1.17 -1.80 25.81
C GLY B 167 1.28 -3.30 25.97
N SER B 168 0.19 -3.98 25.68
CA SER B 168 0.07 -5.43 25.91
C SER B 168 -0.31 -6.13 24.63
N ILE B 169 0.47 -7.16 24.33
CA ILE B 169 0.05 -8.17 23.37
C ILE B 169 -0.72 -9.22 24.19
N GLU B 170 -2.03 -9.12 24.18
CA GLU B 170 -2.86 -9.99 24.97
C GLU B 170 -2.80 -11.43 24.48
N ARG B 171 -2.87 -11.61 23.15
CA ARG B 171 -2.76 -12.92 22.56
C ARG B 171 -2.25 -12.75 21.15
N MET B 172 -1.35 -13.64 20.76
CA MET B 172 -0.79 -13.66 19.42
C MET B 172 -0.80 -15.12 19.02
N GLN B 173 -1.34 -15.39 17.82
CA GLN B 173 -1.25 -16.71 17.24
C GLN B 173 -0.91 -16.59 15.78
N VAL B 174 0.02 -17.44 15.34
CA VAL B 174 0.41 -17.54 13.94
C VAL B 174 0.14 -18.96 13.47
N TYR B 175 -0.47 -19.06 12.30
CA TYR B 175 -0.86 -20.32 11.67
C TYR B 175 -0.24 -20.42 10.30
N ARG B 176 0.20 -21.62 9.91
CA ARG B 176 0.49 -21.93 8.51
C ARG B 176 -0.79 -22.02 7.68
N ASP B 177 -1.87 -22.43 8.31
CA ASP B 177 -3.17 -22.53 7.66
C ASP B 177 -3.74 -21.16 7.34
N VAL B 178 -4.57 -21.12 6.30
CA VAL B 178 -5.28 -19.94 5.85
C VAL B 178 -6.69 -20.07 6.38
N LEU B 179 -7.01 -19.30 7.42
N LEU B 179 -7.03 -19.29 7.40
CA LEU B 179 -8.37 -19.34 7.94
CA LEU B 179 -8.38 -19.38 7.95
C LEU B 179 -9.38 -18.70 6.99
C LEU B 179 -9.38 -18.69 7.03
N SER B 180 -10.64 -19.13 7.08
CA SER B 180 -11.68 -18.55 6.24
C SER B 180 -12.09 -17.16 6.74
N ASP B 181 -12.67 -16.38 5.84
CA ASP B 181 -13.15 -15.06 6.22
C ASP B 181 -14.13 -15.20 7.39
N ASP B 182 -15.03 -16.17 7.31
CA ASP B 182 -16.01 -16.30 8.39
C ASP B 182 -15.32 -16.58 9.70
N GLU B 183 -14.31 -17.43 9.69
CA GLU B 183 -13.56 -17.70 10.89
C GLU B 183 -12.90 -16.45 11.44
N LEU B 184 -12.30 -15.64 10.57
CA LEU B 184 -11.62 -14.43 11.03
C LEU B 184 -12.55 -13.31 11.49
N ILE B 185 -13.74 -13.21 10.89
CA ILE B 185 -14.77 -12.31 11.43
C ILE B 185 -15.09 -12.71 12.87
N ALA B 186 -15.25 -14.02 13.10
CA ALA B 186 -15.59 -14.50 14.42
C ALA B 186 -14.44 -14.31 15.40
N VAL B 187 -13.23 -14.72 15.02
CA VAL B 187 -12.16 -14.67 16.01
C VAL B 187 -11.66 -13.27 16.33
N THR B 188 -11.91 -12.30 15.45
CA THR B 188 -11.57 -10.92 15.76
C THR B 188 -12.67 -10.13 16.45
N GLY B 189 -13.82 -10.78 16.67
CA GLY B 189 -14.89 -10.15 17.44
C GLY B 189 -14.62 -10.11 18.94
N ILE B 190 -15.55 -9.54 19.68
CA ILE B 190 -15.37 -9.43 21.12
C ILE B 190 -15.33 -10.79 21.79
C1 GAL C . 9.60 10.39 6.23
C2 GAL C . 8.51 9.57 5.54
C3 GAL C . 8.07 10.19 4.21
C4 GAL C . 7.89 11.70 4.35
C5 GAL C . 9.03 12.38 5.07
C6 GAL C . 8.68 13.85 5.28
O1 GAL C . 9.82 9.91 7.54
O2 GAL C . 9.03 8.28 5.25
O3 GAL C . 7.09 9.39 3.75
O4 GAL C . 6.69 11.92 5.05
O5 GAL C . 9.21 11.75 6.32
O6 GAL C . 9.83 14.60 5.57
C1 SIA C . 6.28 10.68 1.88
C2 SIA C . 6.65 9.30 2.38
C3 SIA C . 5.44 8.37 2.33
C4 SIA C . 5.06 7.96 0.90
C5 SIA C . 6.27 7.45 0.11
C6 SIA C . 7.39 8.48 0.23
C7 SIA C . 8.67 8.08 -0.51
C8 SIA C . 9.75 9.15 -0.36
C9 SIA C . 10.77 9.01 -1.48
C10 SIA C . 6.09 6.06 -1.90
C11 SIA C . 5.46 5.94 -3.27
N5 SIA C . 5.89 7.23 -1.28
O1A SIA C . 5.18 11.16 2.25
O1B SIA C . 7.10 11.33 1.17
O4 SIA C . 4.09 6.91 0.94
O6 SIA C . 7.71 8.71 1.62
O7 SIA C . 9.18 6.86 0.05
O8 SIA C . 9.22 10.47 -0.43
O9 SIA C . 12.00 9.40 -0.89
O10 SIA C . 6.71 5.12 -1.44
C1 GAL D . 12.66 8.23 3.67
C2 GAL D . 11.57 7.17 3.42
C3 GAL D . 11.59 6.05 4.48
C4 GAL D . 13.01 5.56 4.77
C5 GAL D . 13.92 6.76 5.03
C6 GAL D . 15.36 6.34 5.31
O1 GAL D . 12.82 9.07 2.55
O2 GAL D . 10.28 7.76 3.40
O3 GAL D . 10.61 5.22 4.06
O4 GAL D . 13.48 4.78 3.70
O5 GAL D . 13.90 7.58 3.89
O6 GAL D . 15.96 7.32 6.14
C1 SIA D . 10.89 3.47 5.68
C2 SIA D . 9.90 4.36 4.94
C3 SIA D . 8.95 3.54 4.06
C4 SIA D . 7.90 2.81 4.87
C5 SIA D . 7.24 3.74 5.90
C6 SIA D . 8.30 4.50 6.71
C7 SIA D . 7.75 5.50 7.72
C8 SIA D . 8.88 6.16 8.52
C9 SIA D . 8.38 6.90 9.75
C10 SIA D . 5.14 2.99 6.91
C11 SIA D . 4.59 1.90 7.80
N5 SIA D . 6.44 2.92 6.78
O1A SIA D . 11.39 2.52 5.02
O1B SIA D . 11.21 3.70 6.89
O4 SIA D . 6.85 2.33 4.01
O6 SIA D . 9.17 5.20 5.81
O7 SIA D . 7.00 6.48 7.00
O8 SIA D . 9.88 5.20 8.93
O9 SIA D . 7.02 7.32 9.57
O10 SIA D . 4.42 3.86 6.43
C1 GOL E . -16.92 -10.00 2.43
O1 GOL E . -16.97 -8.95 1.46
C2 GOL E . -15.94 -11.06 1.94
O2 GOL E . -15.76 -12.09 2.95
C3 GOL E . -16.46 -11.57 0.60
O3 GOL E . -16.81 -12.95 0.68
#